data_2E84
#
_entry.id   2E84
#
_cell.length_a   60.090
_cell.length_b   84.070
_cell.length_c   142.670
_cell.angle_alpha   90.00
_cell.angle_beta   90.00
_cell.angle_gamma   90.00
#
_symmetry.space_group_name_H-M   'P 21 21 21'
#
loop_
_entity.id
_entity.type
_entity.pdbx_description
1 polymer 'High-molecular-weight cytochrome c'
2 non-polymer 'ZINC ION'
3 non-polymer 'SODIUM ION'
4 non-polymer 'PROTOPORPHYRIN IX CONTAINING FE'
5 water water
#
_entity_poly.entity_id   1
_entity_poly.type   'polypeptide(L)'
_entity_poly.pdbx_seq_one_letter_code
;MMNAKSLLRWAGALVAVAAVTVFGLDARGTTKPLPGSTGEQRADLVEIGVMAKFGNLELPKVTFPHDRHSEAVAKVAAPG
KECATCHKNDDKGKMSLKFMRLEDTTAADLKNIYHANCIGCHTEQAKAGKKTGPQDGECRSCHNPKPMASSWKQIGLDKS
LHFRHVAAKAIAPVNDPQKNCGACHHVYDEAAKKLSWVKNKEDSCRACHGDARVEKKPSLREAAHTQCITCHRSVAAAPA
KADSGPVSCAGCHDPAMQAKFKVVRDVPRLERGQPDAAMVLPVVGPGAKDTPKGMKGAMKPVAFNHKVHEAASNTCRACH
HVKIDNCTTCHTLEGVKDGNFVQIEKAMHQPDSMKSCVGCHNQKVQAPACAGCHGFMKTGAKPQPEAACGVCHADPVGMD
AKTVADGGLLKATKEQRADVAAATLAARRTTKGTLPADDIPEFVTIGVLSDKYEPSKLPHRKIVNTLMAAIGDDKLAGTF
HTDKATVCAGCHHNSPASKTPPKCASCHGQPFDAAKGDRPGLKAAYHQQCMGCHNRMKLEKPADTACAECHKERAK
;
_entity_poly.pdbx_strand_id   A
#
# COMPACT_ATOMS: atom_id res chain seq x y z
N LYS A 32 10.22 14.97 24.26
CA LYS A 32 8.73 15.06 24.15
C LYS A 32 8.16 15.95 25.26
N PRO A 33 7.39 16.98 24.89
CA PRO A 33 6.80 17.89 25.88
C PRO A 33 5.74 17.18 26.73
N LEU A 34 5.73 17.47 28.01
CA LEU A 34 4.82 16.80 28.93
C LEU A 34 3.42 16.66 28.34
N PRO A 35 2.78 15.48 28.54
CA PRO A 35 1.43 15.20 28.03
C PRO A 35 0.41 16.29 28.40
N GLY A 36 0.74 17.09 29.41
CA GLY A 36 -0.19 18.11 29.86
C GLY A 36 0.07 19.46 29.24
N SER A 37 1.11 19.55 28.41
CA SER A 37 1.42 20.79 27.70
C SER A 37 1.66 20.53 26.22
N THR A 38 0.85 19.64 25.63
CA THR A 38 1.00 19.30 24.22
C THR A 38 -0.06 20.03 23.41
N GLY A 39 -1.06 20.59 24.09
CA GLY A 39 -2.02 21.46 23.44
C GLY A 39 -3.16 20.73 22.77
N GLU A 40 -4.28 21.42 22.57
CA GLU A 40 -5.44 20.80 21.95
C GLU A 40 -5.26 20.71 20.43
N GLN A 41 -5.74 19.62 19.85
CA GLN A 41 -5.67 19.41 18.42
C GLN A 41 -7.03 19.01 17.88
N ARG A 42 -7.35 19.44 16.67
CA ARG A 42 -8.60 19.04 16.04
C ARG A 42 -8.37 18.47 14.65
N ALA A 43 -9.29 17.64 14.19
CA ALA A 43 -9.29 17.16 12.81
C ALA A 43 -10.32 17.95 12.04
N ASP A 44 -10.58 19.16 12.54
CA ASP A 44 -11.82 19.90 12.29
C ASP A 44 -11.54 21.13 11.42
N LEU A 45 -10.26 21.44 11.26
CA LEU A 45 -9.86 22.79 10.89
C LEU A 45 -9.85 22.99 9.40
N VAL A 46 -10.59 23.99 8.95
CA VAL A 46 -10.58 24.41 7.56
C VAL A 46 -9.74 25.68 7.45
N GLU A 47 -8.74 25.65 6.58
CA GLU A 47 -7.96 26.85 6.30
C GLU A 47 -8.58 27.55 5.10
N ILE A 48 -9.25 28.65 5.36
CA ILE A 48 -9.84 29.41 4.28
C ILE A 48 -8.83 30.42 3.76
N GLY A 49 -8.42 30.21 2.52
CA GLY A 49 -7.47 31.10 1.88
C GLY A 49 -7.80 31.22 0.41
N VAL A 50 -9.04 30.88 0.05
CA VAL A 50 -9.48 30.88 -1.33
C VAL A 50 -9.19 32.20 -2.05
N MET A 51 -9.12 33.29 -1.28
CA MET A 51 -8.90 34.61 -1.86
C MET A 51 -7.55 34.71 -2.57
N ALA A 52 -6.58 33.90 -2.12
CA ALA A 52 -5.25 33.90 -2.70
C ALA A 52 -5.28 33.47 -4.16
N LYS A 53 -6.45 33.04 -4.61
CA LYS A 53 -6.66 32.71 -6.02
C LYS A 53 -6.77 34.02 -6.81
N PHE A 54 -6.71 35.13 -6.09
CA PHE A 54 -6.89 36.45 -6.69
C PHE A 54 -5.79 37.41 -6.28
N GLY A 55 -4.69 36.88 -5.77
CA GLY A 55 -3.55 37.71 -5.44
C GLY A 55 -2.97 37.42 -4.07
N ASN A 56 -2.11 38.33 -3.60
CA ASN A 56 -1.45 38.18 -2.32
C ASN A 56 -2.41 38.58 -1.19
N LEU A 57 -2.29 37.92 -0.04
CA LEU A 57 -3.20 38.20 1.06
C LEU A 57 -2.64 39.26 2.00
N GLU A 58 -3.52 40.19 2.40
CA GLU A 58 -3.17 41.22 3.36
C GLU A 58 -3.11 40.62 4.75
N LEU A 59 -3.97 39.65 5.01
CA LEU A 59 -4.07 39.04 6.34
C LEU A 59 -4.01 37.53 6.29
N PRO A 60 -3.81 36.88 7.46
CA PRO A 60 -3.74 35.42 7.53
C PRO A 60 -4.96 34.72 6.95
N LYS A 61 -4.76 33.46 6.54
CA LYS A 61 -5.89 32.63 6.15
C LYS A 61 -6.74 32.35 7.39
N VAL A 62 -8.05 32.29 7.21
CA VAL A 62 -8.95 32.12 8.33
C VAL A 62 -9.15 30.65 8.66
N THR A 63 -8.97 30.32 9.94
CA THR A 63 -9.08 28.95 10.44
C THR A 63 -10.50 28.70 10.93
N PHE A 64 -11.19 27.76 10.29
CA PHE A 64 -12.61 27.55 10.51
C PHE A 64 -12.86 26.14 11.08
N PRO A 65 -13.26 26.05 12.36
CA PRO A 65 -13.52 24.76 13.01
C PRO A 65 -14.89 24.17 12.63
N HIS A 66 -14.90 23.38 11.57
CA HIS A 66 -16.14 22.96 10.92
C HIS A 66 -17.11 22.21 11.84
N ASP A 67 -16.60 21.20 12.55
CA ASP A 67 -17.44 20.37 13.40
C ASP A 67 -18.14 21.19 14.50
N ARG A 68 -17.45 22.22 14.99
CA ARG A 68 -18.03 23.10 15.99
C ARG A 68 -19.25 23.79 15.40
N HIS A 69 -19.12 24.20 14.14
CA HIS A 69 -20.20 24.90 13.47
C HIS A 69 -21.40 24.04 13.12
N SER A 70 -21.17 22.84 12.62
CA SER A 70 -22.28 22.01 12.16
C SER A 70 -23.07 21.49 13.36
N GLU A 71 -22.37 21.17 14.44
CA GLU A 71 -23.03 20.76 15.68
C GLU A 71 -23.85 21.88 16.28
N ALA A 72 -23.34 23.10 16.21
CA ALA A 72 -24.06 24.24 16.75
C ALA A 72 -25.33 24.49 15.92
N VAL A 73 -25.26 24.19 14.62
CA VAL A 73 -26.40 24.40 13.74
C VAL A 73 -27.44 23.28 13.85
N ALA A 74 -26.98 22.04 13.95
CA ALA A 74 -27.87 20.91 14.06
C ALA A 74 -28.94 21.17 15.12
N LYS A 75 -28.62 22.06 16.06
CA LYS A 75 -29.56 22.43 17.10
C LYS A 75 -30.65 23.39 16.58
N VAL A 76 -30.24 24.54 16.07
CA VAL A 76 -31.21 25.52 15.61
C VAL A 76 -31.96 25.08 14.35
N ALA A 77 -31.26 24.49 13.39
CA ALA A 77 -31.90 23.99 12.18
C ALA A 77 -32.71 22.72 12.49
N ALA A 78 -34.02 22.78 12.29
CA ALA A 78 -34.90 21.70 12.69
C ALA A 78 -35.00 20.61 11.61
N PRO A 79 -35.31 21.00 10.37
CA PRO A 79 -35.41 20.01 9.30
C PRO A 79 -34.04 19.43 8.97
N GLY A 80 -33.95 18.68 7.87
CA GLY A 80 -32.66 18.20 7.42
C GLY A 80 -31.84 19.32 6.81
N LYS A 81 -32.08 20.54 7.29
CA LYS A 81 -31.52 21.75 6.70
C LYS A 81 -30.16 22.14 7.29
N GLU A 82 -29.61 21.29 8.16
CA GLU A 82 -28.39 21.61 8.88
C GLU A 82 -27.28 22.18 7.99
N CYS A 83 -27.02 21.52 6.86
CA CYS A 83 -25.96 21.94 5.96
C CYS A 83 -26.42 23.05 5.02
N ALA A 84 -27.74 23.14 4.83
CA ALA A 84 -28.30 24.10 3.90
C ALA A 84 -28.01 25.52 4.38
N THR A 85 -27.93 25.68 5.69
CA THR A 85 -27.60 26.97 6.28
C THR A 85 -26.41 27.62 5.59
N CYS A 86 -25.41 26.83 5.21
CA CYS A 86 -24.17 27.37 4.65
C CYS A 86 -23.80 26.81 3.28
N HIS A 87 -24.48 25.74 2.87
CA HIS A 87 -24.20 25.20 1.56
C HIS A 87 -25.44 25.25 0.71
N LYS A 88 -25.24 25.67 -0.54
CA LYS A 88 -26.32 25.75 -1.50
C LYS A 88 -26.27 24.51 -2.39
N ASN A 89 -27.38 24.24 -3.07
CA ASN A 89 -27.44 23.17 -4.05
C ASN A 89 -27.35 23.72 -5.46
N ASP A 90 -26.80 22.92 -6.37
CA ASP A 90 -26.80 23.28 -7.78
C ASP A 90 -28.20 23.07 -8.36
N ASP A 91 -28.31 23.23 -9.68
CA ASP A 91 -29.60 23.07 -10.36
C ASP A 91 -30.06 21.61 -10.34
N LYS A 92 -29.13 20.69 -10.08
CA LYS A 92 -29.46 19.28 -9.92
C LYS A 92 -29.90 18.94 -8.49
N GLY A 93 -29.30 19.60 -7.51
CA GLY A 93 -29.59 19.28 -6.13
C GLY A 93 -28.39 18.74 -5.38
N LYS A 94 -27.30 18.49 -6.11
CA LYS A 94 -26.01 18.14 -5.52
C LYS A 94 -25.48 19.29 -4.68
N MET A 95 -25.38 19.09 -3.36
CA MET A 95 -24.92 20.14 -2.46
C MET A 95 -23.53 20.65 -2.82
N SER A 96 -23.39 21.99 -2.84
CA SER A 96 -22.10 22.63 -3.05
C SER A 96 -21.20 22.47 -1.83
N LEU A 97 -19.91 22.20 -2.06
CA LEU A 97 -18.94 22.13 -0.97
C LEU A 97 -18.29 23.50 -0.76
N LYS A 98 -18.89 24.53 -1.35
CA LYS A 98 -18.41 25.90 -1.16
C LYS A 98 -19.31 26.63 -0.16
N PHE A 99 -18.79 27.67 0.48
CA PHE A 99 -19.56 28.44 1.46
C PHE A 99 -20.39 29.55 0.81
N MET A 100 -21.69 29.51 1.06
CA MET A 100 -22.62 30.52 0.59
C MET A 100 -22.38 30.90 -0.87
N ARG A 101 -22.15 29.90 -1.70
CA ARG A 101 -21.98 30.14 -3.13
C ARG A 101 -21.89 28.83 -3.91
N LEU A 102 -22.14 28.91 -5.21
CA LEU A 102 -22.03 27.75 -6.08
C LEU A 102 -20.73 27.77 -6.89
N GLU A 103 -20.18 28.96 -7.14
CA GLU A 103 -18.90 29.08 -7.82
C GLU A 103 -18.10 30.28 -7.33
N ASP A 104 -16.78 30.14 -7.31
CA ASP A 104 -15.91 31.28 -7.04
C ASP A 104 -15.99 32.26 -8.20
N THR A 105 -15.93 33.55 -7.87
CA THR A 105 -16.06 34.58 -8.88
C THR A 105 -15.07 35.72 -8.65
N THR A 106 -15.53 36.79 -8.02
CA THR A 106 -14.73 38.00 -7.90
C THR A 106 -14.06 38.09 -6.55
N ALA A 107 -12.77 38.42 -6.55
CA ALA A 107 -12.03 38.65 -5.31
C ALA A 107 -12.82 39.58 -4.40
N ALA A 108 -13.64 40.44 -5.01
CA ALA A 108 -14.48 41.36 -4.25
C ALA A 108 -15.78 40.69 -3.82
N ASP A 109 -16.35 39.89 -4.71
CA ASP A 109 -17.59 39.19 -4.39
C ASP A 109 -17.40 38.18 -3.26
N LEU A 110 -16.22 37.57 -3.19
CA LEU A 110 -15.94 36.55 -2.19
C LEU A 110 -15.60 37.14 -0.83
N LYS A 111 -14.82 38.21 -0.82
CA LYS A 111 -14.50 38.90 0.42
C LYS A 111 -15.79 39.33 1.12
N ASN A 112 -16.81 39.64 0.33
CA ASN A 112 -18.04 40.11 0.90
C ASN A 112 -18.93 38.96 1.35
N ILE A 113 -18.98 37.91 0.53
CA ILE A 113 -19.75 36.72 0.88
C ILE A 113 -19.32 36.21 2.26
N TYR A 114 -18.02 36.29 2.55
CA TYR A 114 -17.52 35.83 3.83
C TYR A 114 -17.87 36.75 5.00
N HIS A 115 -17.40 38.00 4.98
CA HIS A 115 -17.70 38.94 6.06
C HIS A 115 -19.19 39.12 6.33
N ALA A 116 -19.99 39.25 5.27
CA ALA A 116 -21.42 39.48 5.41
C ALA A 116 -22.14 38.30 6.08
N ASN A 117 -21.72 37.08 5.75
CA ASN A 117 -22.40 35.89 6.25
C ASN A 117 -21.77 35.33 7.52
N CYS A 118 -20.44 35.42 7.61
CA CYS A 118 -19.70 34.97 8.78
C CYS A 118 -19.94 35.88 9.98
N ILE A 119 -19.65 37.18 9.82
CA ILE A 119 -19.95 38.17 10.84
C ILE A 119 -21.45 38.39 10.96
N GLY A 120 -22.16 38.29 9.83
CA GLY A 120 -23.59 38.35 9.89
C GLY A 120 -24.14 37.47 10.99
N CYS A 121 -23.94 36.16 10.85
CA CYS A 121 -24.52 35.20 11.80
C CYS A 121 -23.97 35.36 13.21
N HIS A 122 -22.69 35.70 13.32
CA HIS A 122 -22.11 35.87 14.65
C HIS A 122 -22.78 37.03 15.35
N THR A 123 -23.10 38.08 14.59
CA THR A 123 -23.71 39.25 15.19
C THR A 123 -25.11 38.93 15.71
N GLU A 124 -25.92 38.29 14.89
CA GLU A 124 -27.29 38.06 15.32
C GLU A 124 -27.32 37.12 16.52
N GLN A 125 -26.45 36.12 16.51
CA GLN A 125 -26.41 35.15 17.60
C GLN A 125 -25.96 35.81 18.89
N ALA A 126 -25.04 36.77 18.80
CA ALA A 126 -24.56 37.49 19.98
C ALA A 126 -25.65 38.34 20.58
N LYS A 127 -26.49 38.95 19.73
CA LYS A 127 -27.65 39.68 20.21
C LYS A 127 -28.55 38.70 20.94
N ALA A 128 -28.73 37.52 20.34
CA ALA A 128 -29.59 36.51 20.93
C ALA A 128 -28.99 35.88 22.18
N GLY A 129 -27.84 36.38 22.62
CA GLY A 129 -27.22 35.87 23.83
C GLY A 129 -26.53 34.53 23.69
N LYS A 130 -26.31 34.08 22.46
CA LYS A 130 -25.64 32.81 22.22
C LYS A 130 -24.12 32.97 22.18
N LYS A 131 -23.42 31.97 22.69
CA LYS A 131 -21.99 31.79 22.45
C LYS A 131 -21.80 31.72 20.94
N THR A 132 -20.87 32.52 20.40
CA THR A 132 -20.74 32.59 18.95
C THR A 132 -19.32 32.96 18.50
N GLY A 133 -19.16 33.23 17.21
CA GLY A 133 -17.84 33.52 16.68
C GLY A 133 -17.44 34.97 16.72
N PRO A 134 -16.27 35.33 16.17
CA PRO A 134 -15.73 36.69 16.12
C PRO A 134 -16.66 37.70 15.48
N GLN A 135 -16.67 38.92 16.00
CA GLN A 135 -17.50 39.98 15.46
C GLN A 135 -16.69 41.00 14.67
N ASP A 136 -17.38 42.02 14.16
CA ASP A 136 -16.90 42.84 13.06
C ASP A 136 -15.45 43.29 13.19
N GLY A 137 -15.08 43.74 14.38
CA GLY A 137 -13.76 44.32 14.54
C GLY A 137 -12.67 43.34 14.91
N GLU A 138 -13.05 42.09 15.17
CA GLU A 138 -12.12 41.12 15.74
C GLU A 138 -11.30 40.38 14.69
N CYS A 139 -10.63 41.16 13.84
CA CYS A 139 -9.87 40.65 12.70
C CYS A 139 -9.00 39.43 12.98
N ARG A 140 -8.04 39.57 13.89
CA ARG A 140 -7.08 38.50 14.15
C ARG A 140 -7.79 37.24 14.61
N SER A 141 -8.95 37.42 15.23
CA SER A 141 -9.66 36.31 15.83
C SER A 141 -10.15 35.30 14.78
N CYS A 142 -10.48 35.80 13.59
CA CYS A 142 -10.71 34.93 12.44
C CYS A 142 -9.41 34.78 11.65
N HIS A 143 -8.70 35.89 11.48
CA HIS A 143 -7.40 35.90 10.80
C HIS A 143 -6.27 35.65 11.81
N ASN A 144 -6.19 34.43 12.31
CA ASN A 144 -5.22 34.08 13.34
C ASN A 144 -3.96 33.49 12.71
N PRO A 145 -2.80 34.12 12.99
CA PRO A 145 -1.49 33.71 12.49
C PRO A 145 -0.98 32.47 13.22
N LYS A 146 -1.53 32.23 14.41
CA LYS A 146 -1.09 31.14 15.26
C LYS A 146 -2.23 30.18 15.65
N PRO A 147 -2.86 29.54 14.65
CA PRO A 147 -3.96 28.62 14.95
C PRO A 147 -3.43 27.38 15.70
N MET A 148 -4.33 26.52 16.13
CA MET A 148 -3.92 25.33 16.89
C MET A 148 -3.51 24.18 15.99
N ALA A 149 -3.10 23.09 16.63
CA ALA A 149 -2.58 21.93 15.93
C ALA A 149 -3.67 21.06 15.30
N SER A 150 -3.38 20.53 14.11
CA SER A 150 -4.24 19.57 13.46
C SER A 150 -3.98 18.15 13.98
N SER A 151 -5.05 17.40 14.18
CA SER A 151 -4.97 16.00 14.53
C SER A 151 -5.50 15.23 13.34
N TRP A 152 -5.63 15.93 12.22
CA TRP A 152 -6.26 15.41 11.03
C TRP A 152 -5.52 14.19 10.50
N LYS A 153 -6.26 13.26 9.89
CA LYS A 153 -5.68 12.05 9.32
C LYS A 153 -6.46 11.64 8.08
N GLN A 154 -5.72 11.09 7.11
CA GLN A 154 -6.30 10.61 5.87
C GLN A 154 -7.14 9.36 6.14
N ILE A 155 -8.12 9.10 5.28
CA ILE A 155 -8.91 7.88 5.35
C ILE A 155 -9.16 7.33 3.94
N GLY A 156 -9.30 6.00 3.85
CA GLY A 156 -9.72 5.35 2.62
C GLY A 156 -10.43 4.04 2.94
N LEU A 157 -10.83 3.27 1.93
CA LEU A 157 -11.40 1.95 2.21
C LEU A 157 -10.38 0.81 1.96
N ASP A 158 -9.71 0.38 3.04
CA ASP A 158 -8.86 -0.81 3.02
C ASP A 158 -9.75 -2.04 2.79
N LYS A 159 -9.17 -3.23 2.84
CA LYS A 159 -9.91 -4.46 2.52
C LYS A 159 -11.17 -4.63 3.37
N SER A 160 -11.04 -4.41 4.67
CA SER A 160 -12.15 -4.54 5.60
C SER A 160 -13.25 -3.53 5.30
N LEU A 161 -12.86 -2.26 5.21
CA LEU A 161 -13.84 -1.20 5.08
C LEU A 161 -14.56 -1.29 3.74
N HIS A 162 -13.82 -1.69 2.71
CA HIS A 162 -14.40 -1.82 1.39
C HIS A 162 -15.43 -2.94 1.39
N PHE A 163 -15.05 -4.09 1.95
CA PHE A 163 -15.97 -5.22 2.02
C PHE A 163 -17.24 -4.87 2.82
N ARG A 164 -17.09 -4.02 3.83
CA ARG A 164 -18.24 -3.64 4.64
C ARG A 164 -19.28 -2.86 3.84
N HIS A 165 -18.84 -2.21 2.76
CA HIS A 165 -19.75 -1.51 1.85
C HIS A 165 -20.28 -2.44 0.77
N VAL A 166 -19.39 -3.27 0.23
CA VAL A 166 -19.78 -4.33 -0.68
C VAL A 166 -20.91 -5.17 -0.08
N ALA A 167 -20.92 -5.30 1.25
CA ALA A 167 -21.82 -6.23 1.94
C ALA A 167 -23.00 -5.55 2.62
N ALA A 168 -22.99 -4.22 2.70
CA ALA A 168 -24.04 -3.52 3.41
C ALA A 168 -25.32 -3.53 2.58
N LYS A 169 -26.33 -4.22 3.09
CA LYS A 169 -27.62 -4.31 2.38
C LYS A 169 -28.24 -2.92 2.21
N ALA A 170 -27.79 -1.94 3.00
CA ALA A 170 -28.26 -0.57 2.90
C ALA A 170 -27.84 0.11 1.58
N ILE A 171 -26.63 -0.21 1.12
CA ILE A 171 -26.21 0.15 -0.23
C ILE A 171 -26.85 -0.86 -1.18
N ALA A 172 -27.80 -0.40 -1.96
CA ALA A 172 -28.67 -1.30 -2.71
C ALA A 172 -28.05 -1.68 -4.05
N PRO A 173 -28.26 -2.94 -4.49
CA PRO A 173 -27.71 -3.38 -5.77
C PRO A 173 -28.18 -2.50 -6.92
N VAL A 174 -27.25 -2.16 -7.81
CA VAL A 174 -27.48 -1.16 -8.84
C VAL A 174 -27.21 -1.77 -10.22
N ASN A 175 -28.28 -1.98 -10.98
CA ASN A 175 -28.16 -2.47 -12.35
C ASN A 175 -27.71 -3.93 -12.35
N ASP A 176 -27.85 -4.58 -11.20
CA ASP A 176 -27.44 -5.97 -11.04
C ASP A 176 -28.26 -6.65 -9.95
N PRO A 177 -28.53 -7.95 -10.10
CA PRO A 177 -29.31 -8.67 -9.10
C PRO A 177 -28.75 -8.59 -7.67
N GLN A 178 -27.43 -8.57 -7.52
CA GLN A 178 -26.83 -8.54 -6.19
C GLN A 178 -25.65 -7.60 -5.99
N LYS A 179 -24.96 -7.26 -7.08
CA LYS A 179 -23.73 -6.50 -7.00
C LYS A 179 -23.94 -5.02 -6.67
N ASN A 180 -23.17 -4.56 -5.70
CA ASN A 180 -23.31 -3.24 -5.09
C ASN A 180 -22.55 -2.17 -5.86
N CYS A 181 -21.60 -2.60 -6.68
CA CYS A 181 -20.57 -1.74 -7.25
C CYS A 181 -21.09 -0.43 -7.87
N GLY A 182 -22.13 -0.55 -8.69
CA GLY A 182 -22.62 0.60 -9.45
C GLY A 182 -23.07 1.75 -8.57
N ALA A 183 -23.11 1.53 -7.27
CA ALA A 183 -23.47 2.59 -6.34
C ALA A 183 -22.35 3.62 -6.23
N CYS A 184 -21.12 3.20 -6.54
CA CYS A 184 -19.97 4.07 -6.33
C CYS A 184 -19.08 4.21 -7.59
N HIS A 185 -18.88 3.11 -8.30
CA HIS A 185 -17.95 3.09 -9.44
C HIS A 185 -18.61 3.37 -10.79
N HIS A 186 -17.82 3.93 -11.70
CA HIS A 186 -18.32 4.37 -12.99
C HIS A 186 -17.20 4.65 -13.98
N VAL A 187 -17.50 4.53 -15.26
CA VAL A 187 -16.61 5.04 -16.29
C VAL A 187 -17.44 6.01 -17.11
N TYR A 188 -16.77 6.92 -17.81
CA TYR A 188 -17.48 7.76 -18.75
C TYR A 188 -17.68 7.00 -20.05
N ASP A 189 -18.94 6.73 -20.39
CA ASP A 189 -19.28 6.13 -21.69
C ASP A 189 -19.23 7.23 -22.75
N GLU A 190 -18.05 7.45 -23.31
CA GLU A 190 -17.87 8.55 -24.26
C GLU A 190 -18.62 8.20 -25.53
N ALA A 191 -19.92 8.47 -25.52
CA ALA A 191 -20.86 7.94 -26.50
C ALA A 191 -22.26 8.23 -25.98
N ALA A 192 -22.62 7.55 -24.90
CA ALA A 192 -23.88 7.83 -24.19
C ALA A 192 -23.74 9.16 -23.44
N LYS A 193 -22.57 9.77 -23.54
CA LYS A 193 -22.32 11.07 -22.93
C LYS A 193 -22.55 11.08 -21.42
N LYS A 194 -22.55 9.88 -20.83
CA LYS A 194 -22.96 9.70 -19.45
C LYS A 194 -21.91 8.88 -18.66
N LEU A 195 -21.81 9.16 -17.36
CA LEU A 195 -20.99 8.38 -16.46
C LEU A 195 -21.82 7.16 -16.07
N SER A 196 -21.22 5.98 -16.09
CA SER A 196 -21.98 4.75 -15.83
C SER A 196 -21.15 3.67 -15.16
N TRP A 197 -21.82 2.77 -14.44
CA TRP A 197 -21.15 1.61 -13.88
C TRP A 197 -20.91 0.57 -14.95
N VAL A 198 -19.68 0.51 -15.44
CA VAL A 198 -19.28 -0.62 -16.27
C VAL A 198 -18.81 -1.76 -15.37
N LYS A 199 -19.44 -2.93 -15.52
CA LYS A 199 -19.11 -4.06 -14.68
C LYS A 199 -17.71 -4.61 -14.98
N ASN A 200 -16.94 -4.83 -13.91
CA ASN A 200 -15.58 -5.35 -13.99
C ASN A 200 -14.63 -4.36 -14.61
N LYS A 201 -15.02 -3.09 -14.60
CA LYS A 201 -14.14 -2.01 -15.02
C LYS A 201 -13.88 -1.06 -13.84
N GLU A 202 -14.34 -1.46 -12.66
CA GLU A 202 -14.24 -0.59 -11.50
C GLU A 202 -12.81 -0.53 -10.99
N ASP A 203 -12.39 0.68 -10.63
CA ASP A 203 -11.00 0.93 -10.28
C ASP A 203 -10.99 1.98 -9.17
N SER A 204 -9.88 2.11 -8.45
CA SER A 204 -9.86 3.03 -7.34
C SER A 204 -10.03 4.48 -7.85
N CYS A 205 -10.68 5.30 -7.04
CA CYS A 205 -10.92 6.70 -7.38
C CYS A 205 -9.67 7.46 -7.85
N ARG A 206 -8.49 7.04 -7.38
CA ARG A 206 -7.25 7.74 -7.69
C ARG A 206 -6.79 7.57 -9.13
N ALA A 207 -7.19 6.47 -9.76
CA ALA A 207 -6.81 6.19 -11.13
C ALA A 207 -7.21 7.38 -12.01
N CYS A 208 -8.39 7.94 -11.77
CA CYS A 208 -8.90 9.03 -12.59
C CYS A 208 -9.01 10.38 -11.85
N HIS A 209 -9.14 10.34 -10.52
CA HIS A 209 -9.25 11.59 -9.75
C HIS A 209 -7.97 11.93 -9.02
N GLY A 210 -7.43 13.11 -9.34
CA GLY A 210 -6.15 13.52 -8.79
C GLY A 210 -6.24 14.74 -7.89
N ASP A 211 -5.09 15.34 -7.60
CA ASP A 211 -4.97 16.47 -6.67
C ASP A 211 -5.85 17.66 -6.99
N ALA A 212 -5.80 18.12 -8.23
CA ALA A 212 -6.70 19.17 -8.72
C ALA A 212 -7.69 18.55 -9.69
N ARG A 213 -8.68 19.32 -10.14
CA ARG A 213 -9.57 18.79 -11.16
C ARG A 213 -9.03 19.08 -12.56
N VAL A 214 -9.12 18.08 -13.43
CA VAL A 214 -8.69 18.20 -14.81
C VAL A 214 -9.64 19.06 -15.62
N GLU A 215 -10.85 18.56 -15.85
CA GLU A 215 -11.82 19.32 -16.62
C GLU A 215 -13.17 19.29 -15.93
N LYS A 216 -14.00 18.32 -16.30
CA LYS A 216 -15.28 18.12 -15.64
C LYS A 216 -15.11 17.03 -14.58
N LYS A 217 -13.85 16.71 -14.32
CA LYS A 217 -13.49 15.61 -13.43
C LYS A 217 -12.96 16.18 -12.12
N PRO A 218 -13.73 16.06 -11.03
CA PRO A 218 -13.35 16.56 -9.71
C PRO A 218 -12.00 16.02 -9.24
N SER A 219 -11.40 16.72 -8.28
CA SER A 219 -10.23 16.20 -7.58
C SER A 219 -10.73 15.08 -6.66
N LEU A 220 -9.82 14.23 -6.21
CA LEU A 220 -10.18 13.17 -5.29
C LEU A 220 -10.87 13.77 -4.05
N ARG A 221 -10.35 14.89 -3.56
CA ARG A 221 -10.89 15.59 -2.39
C ARG A 221 -12.38 15.88 -2.52
N GLU A 222 -12.75 16.59 -3.59
CA GLU A 222 -14.15 16.85 -3.87
C GLU A 222 -14.91 15.57 -4.23
N ALA A 223 -14.27 14.67 -4.97
CA ALA A 223 -14.93 13.47 -5.45
C ALA A 223 -15.46 12.70 -4.24
N ALA A 224 -14.54 12.39 -3.33
CA ALA A 224 -14.89 11.74 -2.07
C ALA A 224 -15.96 12.53 -1.30
N HIS A 225 -15.68 13.78 -0.98
CA HIS A 225 -16.60 14.56 -0.14
C HIS A 225 -18.01 14.58 -0.69
N THR A 226 -18.12 14.53 -2.01
CA THR A 226 -19.43 14.49 -2.65
C THR A 226 -20.12 13.14 -2.44
N GLN A 227 -19.55 12.10 -3.00
CA GLN A 227 -20.22 10.81 -3.03
C GLN A 227 -20.35 10.24 -1.63
N CYS A 228 -19.24 10.20 -0.91
CA CYS A 228 -19.20 9.58 0.40
C CYS A 228 -20.18 10.20 1.38
N ILE A 229 -20.09 11.52 1.57
CA ILE A 229 -20.90 12.20 2.57
C ILE A 229 -22.36 12.26 2.15
N THR A 230 -22.62 12.31 0.85
CA THR A 230 -23.98 12.36 0.38
C THR A 230 -24.69 11.04 0.65
N CYS A 231 -23.98 9.93 0.47
CA CYS A 231 -24.61 8.64 0.68
C CYS A 231 -24.82 8.38 2.15
N HIS A 232 -23.83 8.74 2.96
CA HIS A 232 -23.94 8.50 4.38
C HIS A 232 -25.17 9.20 4.90
N ARG A 233 -25.41 10.41 4.40
CA ARG A 233 -26.49 11.22 4.92
C ARG A 233 -27.82 10.66 4.47
N SER A 234 -27.87 10.17 3.23
CA SER A 234 -29.07 9.52 2.74
C SER A 234 -29.49 8.34 3.62
N VAL A 235 -28.56 7.49 3.98
CA VAL A 235 -28.89 6.33 4.81
C VAL A 235 -29.34 6.79 6.19
N ALA A 236 -28.57 7.69 6.79
CA ALA A 236 -28.92 8.21 8.12
C ALA A 236 -30.35 8.75 8.14
N ALA A 237 -30.76 9.36 7.04
CA ALA A 237 -32.05 10.05 6.98
C ALA A 237 -33.18 9.07 6.67
N ALA A 238 -32.83 7.94 6.05
CA ALA A 238 -33.82 7.04 5.49
C ALA A 238 -34.70 6.39 6.55
N PRO A 239 -35.91 5.98 6.15
CA PRO A 239 -36.87 5.34 7.05
C PRO A 239 -36.26 4.12 7.73
N ALA A 240 -35.31 3.49 7.03
CA ALA A 240 -34.77 2.19 7.42
C ALA A 240 -33.87 2.25 8.67
N LYS A 241 -33.40 3.44 8.99
CA LYS A 241 -32.59 3.63 10.20
C LYS A 241 -31.41 2.66 10.29
N ALA A 242 -30.90 2.24 9.15
CA ALA A 242 -29.72 1.37 9.12
C ALA A 242 -28.47 2.14 9.53
N ASP A 243 -27.45 1.42 9.96
CA ASP A 243 -26.15 2.01 10.22
C ASP A 243 -25.63 2.69 8.96
N SER A 244 -24.97 3.82 9.14
CA SER A 244 -24.39 4.55 8.01
C SER A 244 -22.92 4.90 8.28
N GLY A 245 -22.35 5.76 7.44
CA GLY A 245 -20.97 6.19 7.64
C GLY A 245 -20.89 7.57 8.26
N PRO A 246 -19.71 8.01 8.71
CA PRO A 246 -19.55 9.33 9.34
C PRO A 246 -19.86 10.49 8.39
N VAL A 247 -20.22 11.63 8.98
CA VAL A 247 -20.47 12.85 8.22
C VAL A 247 -19.64 14.03 8.73
N SER A 248 -19.41 14.08 10.03
CA SER A 248 -18.60 15.16 10.59
C SER A 248 -17.14 14.98 10.20
N CYS A 249 -16.38 16.07 10.21
CA CYS A 249 -14.98 15.99 9.83
C CYS A 249 -14.22 14.94 10.65
N ALA A 250 -14.39 14.96 11.97
CA ALA A 250 -13.60 14.12 12.85
C ALA A 250 -14.01 12.65 12.71
N GLY A 251 -15.26 12.42 12.31
CA GLY A 251 -15.77 11.07 12.20
C GLY A 251 -15.02 10.21 11.20
N CYS A 252 -14.54 10.82 10.12
CA CYS A 252 -13.70 10.13 9.14
C CYS A 252 -12.23 10.41 9.43
N HIS A 253 -11.91 11.60 9.91
CA HIS A 253 -10.53 12.09 9.93
C HIS A 253 -9.82 12.13 11.27
N ASP A 254 -10.54 11.95 12.36
CA ASP A 254 -9.89 11.88 13.66
C ASP A 254 -9.33 10.47 13.89
N PRO A 255 -8.04 10.37 14.26
CA PRO A 255 -7.41 9.07 14.50
C PRO A 255 -8.07 8.23 15.59
N ALA A 256 -8.58 8.90 16.63
CA ALA A 256 -9.30 8.22 17.70
C ALA A 256 -10.65 7.69 17.25
N MET A 257 -11.20 8.30 16.20
CA MET A 257 -12.48 7.85 15.65
C MET A 257 -12.28 6.68 14.70
N GLN A 258 -11.14 6.65 14.03
CA GLN A 258 -10.85 5.60 13.05
C GLN A 258 -10.56 4.28 13.76
N ALA A 259 -9.96 4.38 14.93
CA ALA A 259 -9.64 3.22 15.74
C ALA A 259 -10.89 2.47 16.16
N LYS A 260 -12.03 3.15 16.14
CA LYS A 260 -13.29 2.58 16.61
C LYS A 260 -14.12 1.92 15.50
N PHE A 261 -13.69 2.07 14.25
CA PHE A 261 -14.35 1.37 13.15
C PHE A 261 -14.15 -0.13 13.36
N LYS A 262 -15.22 -0.91 13.30
CA LYS A 262 -15.07 -2.36 13.43
C LYS A 262 -14.42 -2.96 12.19
N VAL A 263 -13.48 -3.89 12.41
CA VAL A 263 -12.69 -4.45 11.34
C VAL A 263 -13.02 -5.91 11.05
N VAL A 264 -13.26 -6.21 9.77
CA VAL A 264 -13.48 -7.57 9.31
C VAL A 264 -12.15 -8.26 9.01
N ARG A 265 -11.80 -9.27 9.79
CA ARG A 265 -10.57 -10.01 9.54
C ARG A 265 -10.87 -11.32 8.83
N ASP A 266 -11.33 -11.23 7.60
CA ASP A 266 -11.71 -12.41 6.81
C ASP A 266 -12.20 -11.95 5.46
N VAL A 267 -11.68 -10.82 5.02
CA VAL A 267 -12.25 -10.15 3.86
C VAL A 267 -12.12 -11.00 2.61
N PRO A 268 -13.25 -11.52 2.11
CA PRO A 268 -13.23 -12.35 0.91
C PRO A 268 -12.52 -11.66 -0.27
N ARG A 269 -12.10 -12.46 -1.24
CA ARG A 269 -11.41 -11.93 -2.39
C ARG A 269 -12.29 -10.90 -3.10
N LEU A 270 -11.69 -9.83 -3.60
CA LEU A 270 -12.43 -8.84 -4.35
C LEU A 270 -12.59 -9.24 -5.83
N GLU A 271 -13.82 -9.56 -6.21
CA GLU A 271 -14.12 -10.15 -7.51
C GLU A 271 -14.41 -9.13 -8.60
N ARG A 272 -13.50 -9.01 -9.56
CA ARG A 272 -13.58 -7.99 -10.58
C ARG A 272 -13.21 -8.59 -11.95
N GLY A 273 -13.22 -9.93 -12.01
CA GLY A 273 -12.95 -10.62 -13.26
C GLY A 273 -11.47 -10.82 -13.57
N GLN A 274 -10.61 -10.73 -12.55
CA GLN A 274 -9.17 -10.85 -12.78
C GLN A 274 -8.75 -12.29 -12.88
N PRO A 275 -7.59 -12.52 -13.51
CA PRO A 275 -7.07 -13.88 -13.68
C PRO A 275 -6.51 -14.42 -12.37
N ASP A 276 -6.72 -15.72 -12.13
CA ASP A 276 -6.01 -16.39 -11.05
C ASP A 276 -4.56 -16.67 -11.44
N ALA A 277 -4.33 -16.93 -12.73
CA ALA A 277 -3.00 -17.13 -13.27
C ALA A 277 -2.84 -16.33 -14.56
N ALA A 278 -1.62 -15.84 -14.82
CA ALA A 278 -1.36 -15.01 -15.99
C ALA A 278 0.05 -15.19 -16.59
N MET A 279 0.15 -15.12 -17.91
CA MET A 279 1.46 -15.06 -18.55
C MET A 279 1.87 -13.61 -18.78
N VAL A 280 2.96 -13.20 -18.14
CA VAL A 280 3.53 -11.90 -18.38
C VAL A 280 4.53 -12.10 -19.50
N LEU A 281 4.33 -11.39 -20.60
CA LEU A 281 5.07 -11.66 -21.84
C LEU A 281 5.94 -10.51 -22.32
N PRO A 282 7.01 -10.83 -23.06
CA PRO A 282 7.94 -9.83 -23.59
C PRO A 282 7.32 -9.10 -24.79
N VAL A 283 6.17 -8.47 -24.56
CA VAL A 283 5.50 -7.68 -25.58
C VAL A 283 6.43 -6.59 -26.11
N VAL A 284 6.52 -6.50 -27.43
CA VAL A 284 7.22 -5.40 -28.09
C VAL A 284 6.24 -4.27 -28.44
N GLY A 285 6.71 -3.03 -28.29
CA GLY A 285 5.83 -1.89 -28.50
C GLY A 285 5.32 -1.86 -29.93
N PRO A 286 4.06 -1.42 -30.15
CA PRO A 286 3.53 -1.36 -31.51
C PRO A 286 4.30 -0.40 -32.40
N GLY A 287 5.59 -0.27 -32.13
CA GLY A 287 6.50 0.44 -33.03
C GLY A 287 7.07 -0.51 -34.05
N ALA A 288 8.40 -0.60 -34.08
CA ALA A 288 9.11 -1.43 -35.06
C ALA A 288 9.12 -2.90 -34.64
N LYS A 289 9.32 -3.78 -35.62
CA LYS A 289 9.37 -5.22 -35.37
C LYS A 289 10.30 -5.95 -36.34
N LYS A 293 16.15 -2.31 -35.17
CA LYS A 293 15.30 -2.62 -33.99
C LYS A 293 14.51 -3.90 -34.26
N GLY A 294 15.12 -5.04 -33.96
CA GLY A 294 14.45 -6.32 -34.19
C GLY A 294 14.38 -7.19 -32.94
N MET A 295 14.00 -6.59 -31.82
CA MET A 295 14.07 -7.26 -30.53
C MET A 295 13.03 -8.37 -30.37
N LYS A 296 13.46 -9.49 -29.78
CA LYS A 296 12.62 -10.67 -29.69
C LYS A 296 12.38 -11.06 -28.23
N GLY A 297 13.45 -11.10 -27.44
CA GLY A 297 13.36 -11.60 -26.09
C GLY A 297 14.50 -12.56 -25.79
N ALA A 298 14.89 -12.63 -24.53
CA ALA A 298 16.09 -13.37 -24.14
C ALA A 298 15.78 -14.44 -23.09
N MET A 299 14.55 -14.45 -22.62
CA MET A 299 14.15 -15.36 -21.55
C MET A 299 12.87 -16.11 -21.91
N LYS A 300 12.68 -17.28 -21.31
CA LYS A 300 11.38 -17.94 -21.32
C LYS A 300 10.42 -16.99 -20.61
N PRO A 301 9.12 -17.07 -20.93
CA PRO A 301 8.11 -16.20 -20.30
C PRO A 301 7.89 -16.53 -18.83
N VAL A 302 6.96 -15.82 -18.18
CA VAL A 302 6.72 -15.97 -16.75
C VAL A 302 5.25 -16.20 -16.39
N ALA A 303 4.95 -17.35 -15.83
CA ALA A 303 3.63 -17.57 -15.25
C ALA A 303 3.54 -16.86 -13.90
N PHE A 304 2.46 -16.12 -13.69
CA PHE A 304 2.33 -15.30 -12.50
C PHE A 304 1.08 -15.65 -11.73
N ASN A 305 1.26 -16.08 -10.48
CA ASN A 305 0.16 -16.44 -9.64
C ASN A 305 -0.49 -15.18 -9.10
N HIS A 306 -1.58 -14.78 -9.74
CA HIS A 306 -2.24 -13.54 -9.41
C HIS A 306 -3.07 -13.63 -8.14
N LYS A 307 -3.82 -14.73 -8.01
CA LYS A 307 -4.71 -14.92 -6.87
C LYS A 307 -3.93 -14.95 -5.55
N VAL A 308 -2.72 -15.51 -5.55
CA VAL A 308 -1.91 -15.57 -4.33
C VAL A 308 -1.38 -14.19 -3.94
N HIS A 309 -1.08 -13.38 -4.93
CA HIS A 309 -0.55 -12.04 -4.68
C HIS A 309 -1.63 -11.06 -4.26
N GLU A 310 -2.86 -11.32 -4.68
CA GLU A 310 -3.97 -10.49 -4.25
C GLU A 310 -4.09 -10.58 -2.74
N ALA A 311 -3.97 -11.79 -2.22
CA ALA A 311 -4.19 -12.03 -0.81
C ALA A 311 -3.06 -11.41 0.02
N ALA A 312 -1.85 -11.49 -0.50
CA ALA A 312 -0.66 -11.04 0.20
C ALA A 312 -0.46 -9.53 0.09
N SER A 313 -1.32 -8.86 -0.66
CA SER A 313 -1.19 -7.42 -0.83
C SER A 313 -2.34 -6.63 -0.22
N ASN A 314 -2.05 -5.43 0.28
CA ASN A 314 -3.10 -4.63 0.90
C ASN A 314 -4.05 -4.11 -0.15
N THR A 315 -3.50 -3.78 -1.32
CA THR A 315 -4.27 -3.13 -2.36
C THR A 315 -3.88 -3.63 -3.75
N CYS A 316 -4.80 -3.49 -4.70
CA CYS A 316 -4.49 -3.67 -6.11
C CYS A 316 -3.54 -2.57 -6.61
N ARG A 317 -3.83 -1.33 -6.20
CA ARG A 317 -3.10 -0.18 -6.68
C ARG A 317 -1.61 -0.25 -6.34
N ALA A 318 -1.27 -1.09 -5.35
CA ALA A 318 0.12 -1.26 -4.95
C ALA A 318 0.94 -1.63 -6.17
N CYS A 319 0.38 -2.50 -6.99
CA CYS A 319 1.05 -2.95 -8.20
C CYS A 319 0.51 -2.16 -9.40
N HIS A 320 -0.82 -2.10 -9.50
CA HIS A 320 -1.46 -1.33 -10.57
C HIS A 320 -1.45 0.16 -10.25
N HIS A 321 -0.27 0.75 -10.33
CA HIS A 321 0.00 2.01 -9.69
C HIS A 321 -0.59 3.20 -10.40
N VAL A 322 -0.95 3.02 -11.68
CA VAL A 322 -1.64 4.06 -12.41
C VAL A 322 -3.12 3.73 -12.50
N LYS A 323 -3.43 2.57 -13.06
CA LYS A 323 -4.82 2.11 -13.21
C LYS A 323 -4.79 0.59 -13.22
N ILE A 324 -5.91 -0.06 -12.95
CA ILE A 324 -5.95 -1.51 -13.15
C ILE A 324 -6.00 -1.83 -14.65
N ASP A 325 -4.84 -2.16 -15.20
CA ASP A 325 -4.72 -2.62 -16.58
C ASP A 325 -3.66 -3.71 -16.54
N ASN A 326 -2.83 -3.79 -17.57
CA ASN A 326 -1.71 -4.70 -17.52
C ASN A 326 -0.43 -3.98 -17.86
N CYS A 327 0.67 -4.47 -17.30
CA CYS A 327 1.93 -3.76 -17.31
C CYS A 327 2.49 -3.53 -18.72
N THR A 328 2.34 -4.54 -19.59
CA THR A 328 2.94 -4.48 -20.91
C THR A 328 2.20 -3.50 -21.83
N THR A 329 1.12 -2.93 -21.32
CA THR A 329 0.48 -1.80 -21.97
C THR A 329 1.48 -0.65 -22.07
N CYS A 330 2.12 -0.35 -20.95
CA CYS A 330 3.02 0.79 -20.84
C CYS A 330 4.49 0.36 -20.79
N HIS A 331 4.75 -0.90 -20.44
CA HIS A 331 6.13 -1.38 -20.30
C HIS A 331 6.47 -2.48 -21.28
N THR A 332 7.25 -2.14 -22.30
CA THR A 332 7.57 -3.10 -23.35
C THR A 332 9.05 -3.39 -23.38
N LEU A 333 9.44 -4.31 -24.27
CA LEU A 333 10.82 -4.75 -24.37
C LEU A 333 11.73 -3.56 -24.64
N GLU A 334 11.26 -2.61 -25.46
CA GLU A 334 12.06 -1.45 -25.82
C GLU A 334 11.63 -0.16 -25.14
N GLY A 335 10.44 -0.17 -24.52
CA GLY A 335 10.00 0.98 -23.74
C GLY A 335 9.27 2.05 -24.53
N VAL A 336 8.21 2.61 -23.97
CA VAL A 336 7.38 3.54 -24.71
C VAL A 336 6.97 4.77 -23.90
N LYS A 337 6.78 5.89 -24.59
CA LYS A 337 6.35 7.13 -23.96
C LYS A 337 5.33 6.93 -22.85
N ASP A 338 4.29 6.14 -23.11
CA ASP A 338 3.20 5.97 -22.15
C ASP A 338 3.71 5.35 -20.84
N GLY A 339 4.92 4.79 -20.90
CA GLY A 339 5.52 4.26 -19.69
C GLY A 339 6.80 5.00 -19.31
N ASN A 340 6.91 6.25 -19.74
CA ASN A 340 8.12 7.02 -19.49
C ASN A 340 9.34 6.20 -19.86
N PHE A 341 9.14 5.27 -20.77
CA PHE A 341 10.23 4.46 -21.31
C PHE A 341 10.90 3.53 -20.31
N VAL A 342 10.33 3.43 -19.11
CA VAL A 342 10.75 2.38 -18.21
C VAL A 342 10.48 1.03 -18.90
N GLN A 343 11.54 0.35 -19.31
CA GLN A 343 11.39 -0.92 -20.01
C GLN A 343 10.86 -2.01 -19.08
N ILE A 344 10.44 -3.14 -19.66
CA ILE A 344 9.73 -4.13 -18.87
C ILE A 344 10.69 -4.87 -17.95
N GLU A 345 11.92 -5.07 -18.40
CA GLU A 345 12.95 -5.66 -17.54
C GLU A 345 13.10 -4.79 -16.28
N LYS A 346 13.15 -3.48 -16.47
CA LYS A 346 13.28 -2.56 -15.36
C LYS A 346 12.04 -2.63 -14.49
N ALA A 347 10.88 -2.75 -15.13
CA ALA A 347 9.60 -2.77 -14.43
C ALA A 347 9.42 -4.06 -13.62
N MET A 348 10.12 -5.11 -13.99
CA MET A 348 9.97 -6.36 -13.29
C MET A 348 11.13 -6.69 -12.33
N HIS A 349 12.21 -5.92 -12.38
CA HIS A 349 13.39 -6.24 -11.58
C HIS A 349 13.94 -5.18 -10.64
N GLN A 350 13.62 -3.91 -10.86
CA GLN A 350 14.18 -2.84 -10.00
C GLN A 350 14.33 -3.30 -8.55
N PRO A 351 15.56 -3.57 -8.10
CA PRO A 351 15.72 -4.00 -6.70
C PRO A 351 15.25 -2.93 -5.76
N ASP A 352 15.14 -1.72 -6.30
CA ASP A 352 14.81 -0.52 -5.56
C ASP A 352 13.32 -0.37 -5.31
N SER A 353 12.50 -1.08 -6.07
CA SER A 353 11.12 -0.67 -6.26
C SER A 353 10.10 -1.70 -5.80
N MET A 354 9.18 -1.24 -4.95
CA MET A 354 8.10 -2.07 -4.46
C MET A 354 7.15 -2.52 -5.57
N LYS A 355 7.16 -1.81 -6.69
CA LYS A 355 6.30 -2.15 -7.81
C LYS A 355 6.88 -3.30 -8.64
N SER A 356 8.17 -3.59 -8.48
CA SER A 356 8.78 -4.62 -9.29
C SER A 356 8.83 -5.97 -8.58
N CYS A 357 8.88 -7.05 -9.37
CA CYS A 357 8.86 -8.41 -8.85
C CYS A 357 9.95 -8.62 -7.81
N VAL A 358 11.17 -8.60 -8.31
CA VAL A 358 12.34 -8.84 -7.49
C VAL A 358 12.42 -7.78 -6.39
N GLY A 359 12.03 -6.56 -6.72
CA GLY A 359 12.09 -5.49 -5.75
C GLY A 359 11.25 -5.77 -4.52
N CYS A 360 9.95 -5.93 -4.71
CA CYS A 360 9.06 -6.19 -3.59
C CYS A 360 9.59 -7.39 -2.79
N HIS A 361 9.94 -8.48 -3.48
CA HIS A 361 10.47 -9.66 -2.83
C HIS A 361 11.67 -9.31 -1.97
N ASN A 362 12.52 -8.43 -2.49
CA ASN A 362 13.72 -7.97 -1.78
C ASN A 362 13.32 -7.36 -0.45
N GLN A 363 12.16 -6.72 -0.43
CA GLN A 363 11.65 -6.10 0.78
C GLN A 363 11.02 -7.12 1.73
N LYS A 364 10.34 -8.11 1.17
CA LYS A 364 9.62 -9.08 2.01
C LYS A 364 10.63 -9.85 2.83
N VAL A 365 11.84 -9.89 2.32
CA VAL A 365 12.92 -10.62 2.92
C VAL A 365 13.55 -9.89 4.11
N GLN A 366 13.08 -8.67 4.36
CA GLN A 366 13.54 -7.88 5.50
C GLN A 366 12.83 -8.30 6.79
N ALA A 367 11.80 -9.11 6.64
CA ALA A 367 11.11 -9.63 7.80
C ALA A 367 12.10 -10.31 8.74
N PRO A 368 11.93 -10.11 10.05
CA PRO A 368 12.78 -10.69 11.09
C PRO A 368 13.12 -12.17 10.93
N ALA A 369 12.15 -12.96 10.49
CA ALA A 369 12.38 -14.41 10.33
C ALA A 369 13.31 -14.69 9.14
N CYS A 370 13.25 -13.82 8.14
CA CYS A 370 14.06 -13.96 6.95
C CYS A 370 15.37 -13.18 7.14
N ALA A 371 15.32 -12.17 8.00
CA ALA A 371 16.35 -11.14 8.01
C ALA A 371 17.70 -11.66 8.43
N GLY A 372 17.72 -12.77 9.16
CA GLY A 372 18.96 -13.27 9.72
C GLY A 372 19.90 -13.80 8.65
N CYS A 373 19.39 -14.63 7.76
CA CYS A 373 20.19 -15.07 6.63
C CYS A 373 20.32 -13.93 5.63
N HIS A 374 19.20 -13.30 5.34
CA HIS A 374 19.11 -12.41 4.19
C HIS A 374 19.78 -11.06 4.34
N GLY A 375 19.88 -10.58 5.57
CA GLY A 375 20.65 -9.37 5.84
C GLY A 375 22.13 -9.65 5.64
N PHE A 376 22.55 -10.87 5.94
CA PHE A 376 23.94 -11.31 5.75
C PHE A 376 24.28 -11.55 4.29
N MET A 377 23.31 -12.07 3.54
CA MET A 377 23.50 -12.31 2.11
C MET A 377 23.45 -11.01 1.31
N LYS A 378 22.73 -10.02 1.85
CA LYS A 378 22.68 -8.69 1.24
C LYS A 378 21.80 -8.73 -0.01
N THR A 379 20.64 -9.37 0.13
CA THR A 379 19.91 -9.89 -1.02
C THR A 379 19.51 -8.83 -2.05
N GLY A 380 19.17 -7.63 -1.59
CA GLY A 380 18.79 -6.59 -2.52
C GLY A 380 19.94 -5.70 -2.96
N ALA A 381 21.15 -6.01 -2.49
CA ALA A 381 22.26 -5.09 -2.62
C ALA A 381 23.40 -5.67 -3.45
N LYS A 382 23.20 -6.86 -4.00
CA LYS A 382 24.14 -7.47 -4.93
C LYS A 382 23.36 -7.94 -6.14
N PRO A 383 24.06 -8.22 -7.26
CA PRO A 383 23.30 -8.67 -8.43
C PRO A 383 22.68 -10.02 -8.10
N GLN A 384 21.40 -10.17 -8.41
CA GLN A 384 20.68 -11.39 -8.05
C GLN A 384 21.27 -12.61 -8.75
N PRO A 385 21.49 -13.71 -7.98
CA PRO A 385 22.04 -14.95 -8.54
C PRO A 385 21.26 -15.53 -9.72
N GLU A 386 21.96 -16.28 -10.58
CA GLU A 386 21.37 -16.81 -11.80
C GLU A 386 20.48 -18.02 -11.51
N ALA A 387 20.60 -18.57 -10.31
CA ALA A 387 19.77 -19.68 -9.87
C ALA A 387 18.31 -19.25 -9.69
N ALA A 388 18.11 -17.98 -9.35
CA ALA A 388 16.79 -17.44 -9.10
C ALA A 388 16.04 -17.10 -10.40
N CYS A 389 16.77 -16.93 -11.49
CA CYS A 389 16.15 -16.57 -12.76
C CYS A 389 15.11 -17.60 -13.18
N GLY A 390 15.47 -18.88 -13.08
CA GLY A 390 14.62 -19.93 -13.58
C GLY A 390 13.35 -20.15 -12.78
N VAL A 391 13.31 -19.61 -11.55
CA VAL A 391 12.12 -19.78 -10.73
C VAL A 391 10.92 -19.09 -11.38
N CYS A 392 11.13 -17.87 -11.85
CA CYS A 392 10.09 -17.14 -12.57
C CYS A 392 10.11 -17.51 -14.05
N HIS A 393 11.29 -17.51 -14.65
CA HIS A 393 11.48 -17.85 -16.05
C HIS A 393 11.59 -19.35 -16.26
N ALA A 394 10.45 -19.99 -16.48
CA ALA A 394 10.40 -21.44 -16.58
C ALA A 394 9.73 -21.80 -17.89
N ASP A 395 10.08 -22.97 -18.41
CA ASP A 395 9.37 -23.49 -19.58
C ASP A 395 7.87 -23.59 -19.27
N PRO A 396 7.04 -22.94 -20.11
CA PRO A 396 5.59 -23.00 -19.89
C PRO A 396 5.06 -24.41 -20.09
N VAL A 397 4.04 -24.79 -19.34
CA VAL A 397 3.48 -26.11 -19.47
C VAL A 397 2.16 -26.01 -20.23
N GLY A 398 2.03 -26.81 -21.28
CA GLY A 398 0.78 -26.86 -22.03
C GLY A 398 0.90 -26.29 -23.44
N MET A 399 2.12 -25.96 -23.84
CA MET A 399 2.38 -25.50 -25.20
C MET A 399 3.70 -26.08 -25.70
N ASP A 400 3.73 -26.36 -27.00
CA ASP A 400 4.90 -26.95 -27.65
C ASP A 400 6.08 -25.96 -27.55
N ALA A 401 7.25 -26.47 -27.15
CA ALA A 401 8.39 -25.59 -26.88
C ALA A 401 8.69 -24.67 -28.06
N LYS A 402 8.79 -25.26 -29.23
CA LYS A 402 9.00 -24.51 -30.47
C LYS A 402 7.98 -23.39 -30.59
N THR A 403 6.73 -23.71 -30.25
CA THR A 403 5.63 -22.76 -30.39
C THR A 403 5.84 -21.54 -29.50
N VAL A 404 6.48 -21.76 -28.34
CA VAL A 404 6.71 -20.69 -27.37
C VAL A 404 7.76 -19.71 -27.86
N ALA A 405 8.81 -20.24 -28.48
CA ALA A 405 9.82 -19.40 -29.12
C ALA A 405 9.21 -18.72 -30.35
N ASP A 406 8.45 -19.48 -31.13
CA ASP A 406 7.75 -18.93 -32.29
C ASP A 406 6.93 -17.70 -31.90
N GLY A 407 6.76 -17.49 -30.59
CA GLY A 407 5.95 -16.40 -30.09
C GLY A 407 4.52 -16.81 -29.80
N GLY A 408 4.29 -18.13 -29.74
CA GLY A 408 2.95 -18.67 -29.64
C GLY A 408 2.07 -18.04 -28.57
N LEU A 409 2.69 -17.65 -27.47
CA LEU A 409 1.94 -17.07 -26.37
C LEU A 409 1.54 -15.63 -26.69
N LEU A 410 2.25 -15.01 -27.62
CA LEU A 410 1.97 -13.62 -27.95
C LEU A 410 0.71 -13.48 -28.79
N LYS A 411 0.58 -14.32 -29.82
CA LYS A 411 -0.66 -14.33 -30.58
C LYS A 411 -1.49 -15.54 -30.16
N ALA A 412 -2.18 -15.40 -29.03
CA ALA A 412 -2.93 -16.50 -28.43
C ALA A 412 -3.99 -15.96 -27.48
N THR A 413 -5.14 -16.62 -27.45
CA THR A 413 -6.27 -16.16 -26.65
C THR A 413 -5.78 -15.74 -25.27
N LYS A 414 -6.49 -14.79 -24.66
CA LYS A 414 -6.27 -14.46 -23.26
C LYS A 414 -6.52 -15.74 -22.46
N GLU A 415 -7.33 -16.63 -23.03
CA GLU A 415 -7.78 -17.83 -22.35
C GLU A 415 -6.71 -18.91 -22.39
N GLN A 416 -6.04 -19.05 -23.53
CA GLN A 416 -5.00 -20.06 -23.67
C GLN A 416 -3.82 -19.71 -22.77
N ARG A 417 -3.55 -18.41 -22.62
CA ARG A 417 -2.52 -17.95 -21.72
C ARG A 417 -2.91 -18.22 -20.26
N ALA A 418 -4.16 -17.98 -19.93
CA ALA A 418 -4.64 -18.24 -18.59
C ALA A 418 -4.45 -19.72 -18.27
N ASP A 419 -4.87 -20.56 -19.21
CA ASP A 419 -4.81 -22.01 -19.01
C ASP A 419 -3.37 -22.51 -18.93
N VAL A 420 -2.50 -21.93 -19.76
CA VAL A 420 -1.08 -22.28 -19.75
C VAL A 420 -0.39 -21.82 -18.47
N ALA A 421 -0.81 -20.67 -17.95
CA ALA A 421 -0.17 -20.16 -16.75
C ALA A 421 -0.55 -21.05 -15.57
N ALA A 422 -1.83 -21.37 -15.45
CA ALA A 422 -2.29 -22.27 -14.39
C ALA A 422 -1.49 -23.60 -14.38
N ALA A 423 -1.28 -24.18 -15.55
CA ALA A 423 -0.61 -25.47 -15.62
C ALA A 423 0.87 -25.28 -15.31
N THR A 424 1.43 -24.20 -15.82
CA THR A 424 2.83 -23.89 -15.58
C THR A 424 3.07 -23.74 -14.08
N LEU A 425 2.28 -22.86 -13.46
CA LEU A 425 2.30 -22.70 -12.02
C LEU A 425 2.19 -24.04 -11.29
N ALA A 426 1.28 -24.90 -11.73
CA ALA A 426 1.04 -26.18 -11.04
C ALA A 426 2.18 -27.18 -11.20
N ALA A 427 2.96 -27.04 -12.28
CA ALA A 427 4.09 -27.93 -12.53
C ALA A 427 5.21 -27.68 -11.53
N ARG A 428 5.11 -26.54 -10.82
CA ARG A 428 6.25 -25.96 -10.12
C ARG A 428 6.70 -26.84 -8.97
N ARG A 429 8.01 -26.94 -8.79
CA ARG A 429 8.58 -27.67 -7.65
C ARG A 429 8.50 -26.84 -6.38
N THR A 430 8.70 -27.48 -5.25
CA THR A 430 8.77 -26.78 -3.96
C THR A 430 9.53 -27.60 -2.93
N THR A 431 10.49 -26.98 -2.27
CA THR A 431 11.14 -27.62 -1.13
C THR A 431 10.33 -27.39 0.14
N LYS A 432 10.35 -28.39 1.02
CA LYS A 432 9.92 -28.22 2.39
C LYS A 432 10.93 -28.99 3.25
N GLY A 433 11.33 -28.38 4.36
CA GLY A 433 12.44 -28.93 5.12
C GLY A 433 13.74 -28.81 4.33
N THR A 434 14.82 -29.26 4.95
CA THR A 434 16.14 -29.19 4.36
C THR A 434 16.73 -30.61 4.31
N LEU A 435 18.07 -30.72 4.32
CA LEU A 435 18.73 -32.02 4.29
C LEU A 435 18.35 -32.88 5.50
N PRO A 436 18.56 -34.21 5.41
CA PRO A 436 18.25 -35.13 6.51
C PRO A 436 19.26 -34.98 7.65
N ALA A 437 18.77 -34.99 8.89
CA ALA A 437 19.59 -34.68 10.04
C ALA A 437 20.96 -35.34 10.05
N ASP A 438 21.09 -36.53 9.49
CA ASP A 438 22.37 -37.24 9.59
C ASP A 438 23.46 -36.48 8.83
N ASP A 439 23.05 -35.57 7.96
CA ASP A 439 24.00 -34.74 7.23
C ASP A 439 24.28 -33.42 7.93
N ILE A 440 23.45 -33.08 8.92
CA ILE A 440 23.62 -31.83 9.66
C ILE A 440 24.15 -32.10 11.06
N PRO A 441 25.44 -31.85 11.31
CA PRO A 441 25.95 -32.10 12.66
C PRO A 441 25.15 -31.37 13.72
N GLU A 442 24.95 -32.02 14.86
CA GLU A 442 24.11 -31.48 15.93
C GLU A 442 24.84 -30.36 16.67
N PHE A 443 26.13 -30.57 16.89
CA PHE A 443 26.97 -29.61 17.59
C PHE A 443 28.27 -29.39 16.84
N VAL A 444 28.77 -28.16 16.89
CA VAL A 444 30.03 -27.84 16.26
C VAL A 444 30.81 -26.99 17.23
N THR A 445 32.04 -27.41 17.55
CA THR A 445 32.86 -26.64 18.48
C THR A 445 33.80 -25.71 17.76
N ILE A 446 33.75 -24.43 18.13
CA ILE A 446 34.61 -23.44 17.52
C ILE A 446 35.59 -22.96 18.57
N GLY A 447 36.82 -23.46 18.45
CA GLY A 447 37.83 -23.17 19.46
C GLY A 447 39.14 -22.78 18.81
N VAL A 448 39.08 -22.47 17.52
CA VAL A 448 40.26 -22.15 16.76
C VAL A 448 40.91 -20.88 17.29
N LEU A 449 40.17 -20.13 18.09
CA LEU A 449 40.57 -18.78 18.52
C LEU A 449 40.66 -18.72 20.06
N SER A 450 40.25 -19.82 20.69
CA SER A 450 40.03 -19.86 22.14
C SER A 450 41.21 -19.30 22.94
N ASP A 451 40.97 -18.21 23.66
CA ASP A 451 42.01 -17.61 24.51
C ASP A 451 41.40 -16.99 25.78
N LYS A 452 40.63 -15.91 25.62
CA LYS A 452 39.97 -15.26 26.76
C LYS A 452 38.67 -15.99 27.07
N TYR A 453 38.17 -16.71 26.07
CA TYR A 453 36.96 -17.47 26.26
C TYR A 453 37.21 -18.92 25.88
N GLU A 454 36.46 -19.83 26.48
CA GLU A 454 36.50 -21.22 26.05
C GLU A 454 35.83 -21.35 24.68
N PRO A 455 36.00 -22.51 24.01
CA PRO A 455 35.37 -22.69 22.69
C PRO A 455 33.87 -22.55 22.79
N SER A 456 33.26 -22.01 21.75
CA SER A 456 31.81 -21.89 21.74
C SER A 456 31.25 -23.19 21.17
N LYS A 457 30.26 -23.75 21.86
CA LYS A 457 29.59 -24.94 21.36
C LYS A 457 28.37 -24.50 20.57
N LEU A 458 28.41 -24.69 19.26
CA LEU A 458 27.32 -24.24 18.39
C LEU A 458 26.14 -25.21 18.33
N PRO A 459 24.97 -24.79 18.80
CA PRO A 459 23.77 -25.64 18.77
C PRO A 459 23.35 -25.78 17.31
N HIS A 460 24.22 -26.39 16.51
CA HIS A 460 24.16 -26.30 15.05
C HIS A 460 22.83 -26.80 14.50
N ARG A 461 22.47 -28.04 14.83
CA ARG A 461 21.27 -28.62 14.25
C ARG A 461 20.02 -27.97 14.81
N LYS A 462 20.07 -27.56 16.07
CA LYS A 462 18.90 -26.92 16.68
C LYS A 462 18.58 -25.60 16.00
N ILE A 463 19.61 -24.84 15.67
CA ILE A 463 19.40 -23.57 15.00
C ILE A 463 18.81 -23.75 13.61
N VAL A 464 19.33 -24.71 12.84
CA VAL A 464 18.78 -25.00 11.52
C VAL A 464 17.29 -25.34 11.59
N ASN A 465 16.93 -26.25 12.49
CA ASN A 465 15.53 -26.63 12.67
C ASN A 465 14.69 -25.41 12.94
N THR A 466 15.21 -24.54 13.80
CA THR A 466 14.47 -23.34 14.19
C THR A 466 14.36 -22.34 13.06
N LEU A 467 15.40 -22.23 12.24
CA LEU A 467 15.30 -21.39 11.06
C LEU A 467 14.29 -21.97 10.07
N MET A 468 14.30 -23.29 9.90
CA MET A 468 13.29 -23.92 9.04
C MET A 468 11.91 -23.68 9.63
N ALA A 469 11.85 -23.73 10.95
CA ALA A 469 10.60 -23.49 11.65
C ALA A 469 10.17 -22.04 11.42
N ALA A 470 11.12 -21.12 11.46
CA ALA A 470 10.81 -19.70 11.32
C ALA A 470 10.34 -19.39 9.91
N ILE A 471 10.85 -20.16 8.95
CA ILE A 471 10.47 -19.98 7.57
C ILE A 471 9.04 -20.44 7.41
N GLY A 472 8.66 -21.45 8.18
CA GLY A 472 7.31 -21.99 8.14
C GLY A 472 6.91 -22.50 6.76
N ASP A 473 5.69 -22.17 6.36
CA ASP A 473 5.21 -22.55 5.03
C ASP A 473 5.09 -21.31 4.18
N ASP A 474 6.03 -20.39 4.35
CA ASP A 474 6.08 -19.16 3.55
C ASP A 474 6.33 -19.53 2.09
N LYS A 475 5.43 -19.08 1.23
CA LYS A 475 5.50 -19.41 -0.19
C LYS A 475 6.69 -18.80 -0.92
N LEU A 476 7.12 -17.60 -0.53
CA LEU A 476 8.26 -16.97 -1.18
C LEU A 476 9.51 -17.77 -0.87
N ALA A 477 9.64 -18.16 0.38
CA ALA A 477 10.73 -19.02 0.81
C ALA A 477 10.69 -20.36 0.08
N GLY A 478 9.52 -21.00 0.11
CA GLY A 478 9.41 -22.37 -0.32
C GLY A 478 9.56 -22.56 -1.81
N THR A 479 9.43 -21.48 -2.56
CA THR A 479 9.53 -21.52 -4.01
C THR A 479 10.92 -21.09 -4.48
N PHE A 480 11.53 -20.17 -3.75
CA PHE A 480 12.80 -19.60 -4.16
C PHE A 480 13.98 -20.34 -3.55
N HIS A 481 13.72 -21.09 -2.49
CA HIS A 481 14.69 -22.04 -1.98
C HIS A 481 14.60 -23.34 -2.77
N THR A 482 15.45 -23.46 -3.79
CA THR A 482 15.26 -24.45 -4.84
C THR A 482 15.81 -25.84 -4.49
N ASP A 483 16.87 -25.90 -3.68
CA ASP A 483 17.35 -27.17 -3.14
C ASP A 483 17.02 -27.22 -1.65
N LYS A 484 16.93 -28.44 -1.13
CA LYS A 484 16.85 -28.64 0.30
C LYS A 484 18.12 -28.10 0.98
N ALA A 485 19.21 -28.01 0.25
CA ALA A 485 20.47 -27.52 0.81
C ALA A 485 20.67 -26.00 0.69
N THR A 486 19.75 -25.32 0.01
CA THR A 486 19.90 -23.88 -0.24
C THR A 486 20.16 -23.10 1.04
N VAL A 487 19.32 -23.29 2.05
CA VAL A 487 19.41 -22.50 3.27
C VAL A 487 20.75 -22.63 4.01
N CYS A 488 21.56 -23.59 3.61
CA CYS A 488 22.88 -23.76 4.23
C CYS A 488 23.80 -22.63 3.77
N ALA A 489 23.50 -22.05 2.61
CA ALA A 489 24.31 -20.95 2.12
C ALA A 489 23.96 -19.64 2.84
N GLY A 490 22.96 -19.70 3.71
CA GLY A 490 22.59 -18.51 4.48
C GLY A 490 23.66 -18.16 5.50
N CYS A 491 24.54 -19.11 5.78
CA CYS A 491 25.70 -18.86 6.64
C CYS A 491 26.97 -19.30 5.94
N HIS A 492 26.92 -20.44 5.23
CA HIS A 492 28.06 -20.90 4.44
C HIS A 492 27.99 -20.29 3.06
N HIS A 493 28.35 -19.03 2.96
CA HIS A 493 28.21 -18.32 1.70
C HIS A 493 29.47 -18.48 0.87
N ASN A 494 29.40 -18.10 -0.41
CA ASN A 494 30.58 -18.00 -1.28
C ASN A 494 31.27 -19.32 -1.62
N SER A 495 30.79 -20.43 -1.08
CA SER A 495 31.30 -21.73 -1.48
C SER A 495 30.23 -22.47 -2.26
N PRO A 496 30.62 -23.50 -3.02
CA PRO A 496 29.61 -24.24 -3.79
C PRO A 496 28.66 -24.96 -2.83
N ALA A 497 27.37 -24.90 -3.13
CA ALA A 497 26.37 -25.60 -2.31
C ALA A 497 26.89 -27.01 -1.98
N SER A 498 26.87 -27.39 -0.71
CA SER A 498 27.40 -28.70 -0.32
C SER A 498 26.91 -29.19 1.06
N LYS A 499 26.83 -30.50 1.20
CA LYS A 499 26.46 -31.11 2.48
C LYS A 499 27.66 -31.02 3.40
N THR A 500 28.81 -30.64 2.82
CA THR A 500 30.04 -30.48 3.58
C THR A 500 30.75 -29.19 3.16
N PRO A 501 30.36 -28.07 3.79
CA PRO A 501 30.98 -26.77 3.45
C PRO A 501 32.39 -26.66 4.05
N PRO A 502 33.13 -25.64 3.63
CA PRO A 502 34.48 -25.42 4.13
C PRO A 502 34.47 -24.67 5.46
N LYS A 503 35.64 -24.57 6.10
CA LYS A 503 35.77 -23.83 7.34
C LYS A 503 35.61 -22.34 7.07
N CYS A 504 35.20 -21.58 8.08
CA CYS A 504 35.24 -20.13 7.95
C CYS A 504 36.69 -19.70 7.75
N ALA A 505 37.58 -20.24 8.58
CA ALA A 505 39.01 -19.92 8.48
C ALA A 505 39.57 -20.16 7.09
N SER A 506 38.81 -20.87 6.25
CA SER A 506 39.21 -21.06 4.85
C SER A 506 39.59 -19.71 4.25
N CYS A 507 38.63 -18.81 4.19
CA CYS A 507 38.84 -17.55 3.50
C CYS A 507 38.98 -16.39 4.48
N HIS A 508 38.94 -16.65 5.78
CA HIS A 508 39.03 -15.57 6.77
C HIS A 508 40.27 -15.62 7.67
N GLY A 509 41.04 -14.53 7.65
CA GLY A 509 42.24 -14.47 8.47
C GLY A 509 43.43 -13.82 7.78
N GLN A 510 44.63 -14.04 8.32
CA GLN A 510 45.87 -13.48 7.76
C GLN A 510 46.98 -14.53 7.73
N ASP A 518 38.00 -11.35 0.97
CA ASP A 518 38.00 -12.18 2.22
C ASP A 518 38.11 -11.29 3.45
N ARG A 519 37.33 -10.21 3.46
CA ARG A 519 37.69 -9.02 4.23
C ARG A 519 37.75 -9.18 5.75
N PRO A 520 36.60 -9.41 6.42
CA PRO A 520 36.69 -9.56 7.87
C PRO A 520 37.57 -10.73 8.30
N GLY A 521 38.20 -10.59 9.47
CA GLY A 521 39.03 -11.67 9.98
C GLY A 521 38.18 -12.79 10.54
N LEU A 522 38.81 -13.83 11.06
CA LEU A 522 38.07 -14.96 11.58
C LEU A 522 37.16 -14.58 12.75
N LYS A 523 37.67 -13.78 13.68
CA LYS A 523 36.89 -13.38 14.84
C LYS A 523 35.72 -12.46 14.44
N ALA A 524 36.01 -11.48 13.59
CA ALA A 524 35.01 -10.50 13.18
C ALA A 524 33.97 -11.16 12.29
N ALA A 525 34.42 -12.16 11.54
CA ALA A 525 33.52 -12.93 10.70
C ALA A 525 32.49 -13.63 11.59
N TYR A 526 32.96 -14.28 12.64
CA TYR A 526 32.06 -14.94 13.58
C TYR A 526 31.15 -13.93 14.23
N HIS A 527 31.75 -12.91 14.85
CA HIS A 527 30.98 -11.90 15.53
C HIS A 527 29.97 -11.20 14.65
N GLN A 528 30.37 -10.90 13.41
CA GLN A 528 29.46 -10.25 12.51
C GLN A 528 28.32 -11.15 12.09
N GLN A 529 28.61 -12.40 11.79
CA GLN A 529 27.55 -13.30 11.34
C GLN A 529 26.65 -13.76 12.49
N CYS A 530 27.24 -14.13 13.61
CA CYS A 530 26.48 -14.67 14.72
C CYS A 530 25.61 -13.62 15.41
N MET A 531 26.23 -12.53 15.86
CA MET A 531 25.46 -11.50 16.54
C MET A 531 24.56 -10.81 15.51
N GLY A 532 25.06 -10.72 14.28
CA GLY A 532 24.31 -10.09 13.21
C GLY A 532 22.91 -10.65 13.08
N CYS A 533 22.80 -11.96 13.18
CA CYS A 533 21.53 -12.63 12.95
C CYS A 533 20.64 -12.57 14.18
N HIS A 534 21.22 -12.72 15.36
CA HIS A 534 20.43 -12.61 16.60
C HIS A 534 19.79 -11.23 16.66
N ASN A 535 20.55 -10.22 16.27
CA ASN A 535 20.03 -8.87 16.15
C ASN A 535 18.88 -8.77 15.13
N ARG A 536 19.17 -9.04 13.85
CA ARG A 536 18.14 -8.91 12.82
C ARG A 536 16.91 -9.73 13.15
N MET A 537 17.12 -10.88 13.79
CA MET A 537 16.00 -11.77 14.07
C MET A 537 15.23 -11.31 15.30
N LYS A 538 15.84 -10.40 16.06
CA LYS A 538 15.17 -9.76 17.19
C LYS A 538 14.64 -10.81 18.17
N LEU A 539 15.53 -11.65 18.70
CA LEU A 539 15.08 -12.69 19.61
C LEU A 539 15.56 -12.49 21.06
N GLU A 540 16.52 -11.59 21.23
CA GLU A 540 17.09 -11.36 22.56
C GLU A 540 16.71 -10.00 23.16
N PRO A 542 17.38 -7.35 24.64
CA PRO A 542 18.33 -6.23 24.50
C PRO A 542 19.15 -6.03 25.77
N ALA A 543 18.47 -5.69 26.86
CA ALA A 543 19.11 -5.60 28.16
C ALA A 543 19.46 -7.00 28.66
N ASP A 544 19.15 -8.00 27.85
CA ASP A 544 19.42 -9.40 28.20
C ASP A 544 20.69 -9.94 27.55
N THR A 545 21.44 -9.04 26.92
CA THR A 545 22.64 -9.45 26.19
C THR A 545 23.82 -9.69 27.13
N ALA A 546 24.39 -10.89 27.04
CA ALA A 546 25.60 -11.22 27.76
C ALA A 546 26.61 -11.88 26.81
N CYS A 547 27.87 -11.47 26.93
CA CYS A 547 28.93 -12.08 26.14
C CYS A 547 29.03 -13.56 26.48
N ALA A 548 28.33 -13.96 27.54
CA ALA A 548 28.37 -15.35 28.00
C ALA A 548 27.57 -16.31 27.11
N GLU A 549 26.71 -15.75 26.25
CA GLU A 549 25.78 -16.56 25.47
C GLU A 549 26.49 -17.61 24.63
N CYS A 550 27.57 -17.23 23.98
CA CYS A 550 28.15 -18.10 23.00
C CYS A 550 29.48 -18.67 23.47
N HIS A 551 29.94 -18.27 24.65
CA HIS A 551 31.16 -18.85 25.22
C HIS A 551 31.48 -18.37 26.63
N LYS A 552 32.06 -19.28 27.40
CA LYS A 552 32.37 -19.02 28.80
C LYS A 552 33.71 -18.26 28.88
N GLU A 553 33.74 -17.22 29.70
CA GLU A 553 34.98 -16.49 29.91
C GLU A 553 35.85 -17.32 30.84
N ARG A 554 37.17 -17.26 30.64
CA ARG A 554 38.10 -18.05 31.43
C ARG A 554 38.64 -17.27 32.64
N ALA A 555 39.48 -17.90 33.44
CA ALA A 555 40.01 -17.30 34.66
C ALA A 555 38.91 -17.22 35.72
#